data_6EHF
#
_entry.id   6EHF
#
_cell.length_a   200.910
_cell.length_b   200.910
_cell.length_c   200.910
_cell.angle_alpha   90.00
_cell.angle_beta   90.00
_cell.angle_gamma   90.00
#
_symmetry.space_group_name_H-M   'I 4 3 2'
#
loop_
_entity.id
_entity.type
_entity.pdbx_description
1 polymer 'OmpT protein'
2 non-polymer 'CALCIUM ION'
3 water water
#
_entity_poly.entity_id   1
_entity_poly.type   'polypeptide(L)'
_entity_poly.pdbx_seq_one_letter_code
;DAGTVDFYGQLRTELKFLEDKDPTIGSGSSRAGVDANYTVNDSLALQGKVEFALKDSGDMYVRNHILGVKTNFGKFSFGK
QWTTSDDVYGADYSYFFGGTGLRYGTLSDALHDSQVKYVYEADSFWVKAGYGFPEDNAKQELAELYVGATFGDLAVHAGG
GQNRDKAFKVGSNTVGTTTTDIKADVTNSYFEVTGEYTIGDALIGVTYYNAELDVENNPLVIDEDAISVAGTYKVADKTK
LYAGYEYVMQEANTGADEDGTLVYLGVEYKFASWARVYAEYGYGDGTTLGYTNKGSDAEVKATKVDSANNFGIGARYYW
;
_entity_poly.pdbx_strand_id   A
#
loop_
_chem_comp.id
_chem_comp.type
_chem_comp.name
_chem_comp.formula
CA non-polymer 'CALCIUM ION' 'Ca 2'
#
# COMPACT_ATOMS: atom_id res chain seq x y z
N ASP A 1 -10.96 -2.88 32.41
CA ASP A 1 -12.30 -2.25 32.12
C ASP A 1 -12.35 -0.81 31.53
N ALA A 2 -11.36 0.05 31.81
CA ALA A 2 -11.32 1.44 31.26
C ALA A 2 -10.80 1.47 29.80
N GLY A 3 -10.49 2.67 29.28
CA GLY A 3 -10.04 2.82 27.90
C GLY A 3 -8.81 3.68 27.67
N THR A 4 -8.34 3.72 26.43
CA THR A 4 -7.23 4.59 26.03
C THR A 4 -7.70 5.48 24.93
N VAL A 5 -7.27 6.73 25.00
CA VAL A 5 -7.49 7.74 23.97
C VAL A 5 -6.12 8.26 23.48
N ASP A 6 -5.65 7.80 22.30
CA ASP A 6 -4.39 8.31 21.70
C ASP A 6 -4.60 9.35 20.57
N PHE A 7 -4.15 10.59 20.80
CA PHE A 7 -4.06 11.61 19.77
C PHE A 7 -2.66 11.47 19.19
N TYR A 8 -2.57 11.16 17.88
CA TYR A 8 -1.32 10.83 17.16
C TYR A 8 -1.19 11.59 15.80
N GLY A 9 0.01 11.55 15.22
CA GLY A 9 0.26 12.17 13.96
C GLY A 9 1.67 12.10 13.42
N GLN A 10 1.81 12.61 12.19
CA GLN A 10 3.11 12.82 11.54
C GLN A 10 3.13 14.16 10.85
N LEU A 11 4.30 14.80 10.84
CA LEU A 11 4.52 16.03 10.11
C LEU A 11 5.64 15.75 9.13
N ARG A 12 5.29 15.12 8.01
CA ARG A 12 6.27 14.86 6.95
C ARG A 12 6.67 16.07 6.16
N THR A 13 7.95 16.12 5.81
CA THR A 13 8.56 17.15 5.01
C THR A 13 9.62 16.51 4.13
N GLU A 14 9.48 16.68 2.82
CA GLU A 14 10.24 15.92 1.85
C GLU A 14 10.90 16.89 0.89
N LEU A 15 12.07 16.49 0.39
CA LEU A 15 12.79 17.22 -0.65
C LEU A 15 13.12 16.20 -1.72
N LYS A 16 12.55 16.37 -2.92
CA LYS A 16 12.59 15.32 -3.92
C LYS A 16 13.14 15.77 -5.27
N PHE A 17 13.95 14.90 -5.84
CA PHE A 17 14.58 15.09 -7.14
C PHE A 17 14.19 13.90 -8.04
N LEU A 18 13.21 14.06 -8.91
CA LEU A 18 12.76 12.93 -9.74
C LEU A 18 13.16 13.13 -11.20
N GLU A 19 13.35 12.04 -11.95
CA GLU A 19 13.93 12.12 -13.33
C GLU A 19 13.13 13.15 -14.17
N ASP A 20 13.88 13.99 -14.90
CA ASP A 20 13.36 14.93 -15.90
C ASP A 20 12.58 16.17 -15.36
N LYS A 21 12.53 16.29 -14.01
CA LYS A 21 11.74 17.30 -13.26
C LYS A 21 12.62 18.21 -12.38
N ASP A 22 12.01 19.23 -11.81
CA ASP A 22 12.68 20.15 -10.90
C ASP A 22 12.58 19.62 -9.48
N PRO A 23 13.43 20.15 -8.59
CA PRO A 23 13.26 19.94 -7.16
C PRO A 23 11.86 20.35 -6.67
N THR A 24 11.29 19.52 -5.78
CA THR A 24 10.12 19.88 -5.04
C THR A 24 10.49 20.00 -3.58
N ILE A 25 9.91 20.97 -2.87
CA ILE A 25 9.81 20.91 -1.42
C ILE A 25 8.38 21.12 -1.03
N GLY A 26 8.09 20.61 0.16
CA GLY A 26 6.78 20.66 0.77
C GLY A 26 6.50 19.49 1.67
N SER A 27 5.23 19.39 2.07
CA SER A 27 4.80 18.29 2.89
C SER A 27 4.91 17.03 2.08
N GLY A 28 5.16 15.92 2.74
CA GLY A 28 4.71 14.63 2.25
C GLY A 28 3.28 14.50 2.74
N SER A 29 2.88 13.27 3.02
CA SER A 29 1.54 12.99 3.47
C SER A 29 1.37 13.20 4.97
N SER A 30 1.57 14.41 5.49
CA SER A 30 1.26 14.66 6.90
C SER A 30 -0.21 14.30 7.21
N ARG A 31 -0.45 13.72 8.38
CA ARG A 31 -1.82 13.46 8.88
C ARG A 31 -1.83 13.62 10.42
N ALA A 32 -3.02 13.45 11.01
CA ALA A 32 -3.29 13.50 12.47
C ALA A 32 -4.59 12.72 12.81
N GLY A 33 -4.58 11.99 13.92
CA GLY A 33 -5.71 11.11 14.23
C GLY A 33 -5.98 10.95 15.70
N VAL A 34 -6.96 10.12 15.98
CA VAL A 34 -7.39 9.82 17.33
C VAL A 34 -7.85 8.40 17.29
N ASP A 35 -7.07 7.52 17.94
CA ASP A 35 -7.50 6.17 18.27
C ASP A 35 -8.09 6.21 19.69
N ALA A 36 -9.35 5.79 19.79
CA ALA A 36 -10.02 5.59 21.07
C ALA A 36 -10.42 4.11 21.27
N ASN A 37 -9.89 3.47 22.33
CA ASN A 37 -10.14 2.03 22.61
C ASN A 37 -10.72 1.85 24.00
N TYR A 38 -11.63 0.90 24.16
CA TYR A 38 -12.27 0.61 25.46
C TYR A 38 -12.61 -0.88 25.64
N THR A 39 -11.95 -1.57 26.57
CA THR A 39 -12.25 -2.99 26.85
C THR A 39 -13.47 -3.09 27.79
N VAL A 40 -14.54 -3.72 27.34
CA VAL A 40 -15.77 -3.84 28.12
C VAL A 40 -15.63 -5.03 29.05
N ASN A 41 -15.25 -6.19 28.52
CA ASN A 41 -14.90 -7.36 29.34
C ASN A 41 -13.78 -8.17 28.64
N ASP A 42 -13.72 -9.48 28.84
CA ASP A 42 -12.67 -10.31 28.22
C ASP A 42 -13.05 -10.78 26.85
N SER A 43 -14.35 -10.85 26.60
CA SER A 43 -14.89 -11.16 25.26
C SER A 43 -15.59 -9.94 24.57
N LEU A 44 -15.06 -8.73 24.78
CA LEU A 44 -15.65 -7.52 24.17
C LEU A 44 -14.83 -6.26 24.38
N ALA A 45 -14.35 -5.69 23.28
CA ALA A 45 -13.73 -4.35 23.27
C ALA A 45 -14.24 -3.50 22.06
N LEU A 46 -14.13 -2.18 22.22
CA LEU A 46 -14.59 -1.19 21.25
C LEU A 46 -13.49 -0.19 20.81
N GLN A 47 -13.57 0.24 19.55
CA GLN A 47 -12.63 1.20 18.97
C GLN A 47 -13.40 2.24 18.17
N GLY A 48 -12.89 3.46 18.23
CA GLY A 48 -13.39 4.57 17.43
C GLY A 48 -12.15 5.24 16.88
N LYS A 49 -12.06 5.38 15.56
CA LYS A 49 -10.87 5.98 14.99
C LYS A 49 -11.23 6.89 13.87
N VAL A 50 -10.45 7.96 13.75
CA VAL A 50 -10.62 8.93 12.68
C VAL A 50 -9.28 9.67 12.44
N GLU A 51 -8.68 9.43 11.29
CA GLU A 51 -7.43 10.06 10.86
C GLU A 51 -7.88 11.13 9.82
N PHE A 52 -7.26 12.30 9.83
CA PHE A 52 -7.47 13.27 8.73
C PHE A 52 -6.14 13.83 8.19
N ALA A 53 -6.13 14.34 6.96
CA ALA A 53 -4.86 14.80 6.30
C ALA A 53 -4.49 16.24 6.62
N LEU A 54 -3.19 16.51 6.76
CA LEU A 54 -2.63 17.87 6.83
C LEU A 54 -1.68 18.10 5.64
N LYS A 55 -2.05 17.66 4.43
CA LYS A 55 -1.16 17.84 3.27
C LYS A 55 -1.11 19.36 2.98
N ASP A 56 -0.05 19.86 2.36
CA ASP A 56 0.06 21.31 2.13
C ASP A 56 -0.70 21.80 0.86
N SER A 57 -1.48 20.91 0.23
CA SER A 57 -1.96 21.11 -1.13
C SER A 57 -3.42 21.45 -1.26
N GLY A 58 -4.32 20.52 -1.00
CA GLY A 58 -5.74 20.83 -1.34
C GLY A 58 -6.50 21.23 -0.10
N ASP A 59 -7.81 21.05 -0.15
CA ASP A 59 -8.69 21.07 1.01
C ASP A 59 -8.15 19.91 1.96
N MET A 60 -8.37 20.02 3.27
CA MET A 60 -8.11 18.89 4.18
C MET A 60 -9.38 18.02 4.41
N TYR A 61 -9.22 16.72 4.65
CA TYR A 61 -10.33 15.70 4.51
C TYR A 61 -10.02 14.47 5.38
N VAL A 62 -11.03 13.65 5.62
CA VAL A 62 -10.87 12.44 6.43
C VAL A 62 -10.31 11.27 5.63
N ARG A 63 -9.30 10.60 6.18
CA ARG A 63 -8.64 9.43 5.56
C ARG A 63 -9.23 8.06 5.98
N ASN A 64 -9.36 7.84 7.28
CA ASN A 64 -9.94 6.60 7.84
C ASN A 64 -11.03 7.08 8.80
N HIS A 65 -12.13 6.32 8.86
CA HIS A 65 -13.18 6.62 9.83
C HIS A 65 -13.79 5.28 10.21
N ILE A 66 -13.50 4.84 11.45
CA ILE A 66 -13.63 3.43 11.87
C ILE A 66 -14.43 3.22 13.18
N LEU A 67 -15.29 2.20 13.15
CA LEU A 67 -15.90 1.60 14.34
C LEU A 67 -15.39 0.17 14.35
N GLY A 68 -14.66 -0.20 15.40
CA GLY A 68 -14.18 -1.59 15.62
C GLY A 68 -14.84 -2.29 16.83
N VAL A 69 -15.13 -3.58 16.69
CA VAL A 69 -15.69 -4.36 17.79
C VAL A 69 -14.89 -5.63 17.87
N LYS A 70 -14.02 -5.79 18.89
CA LYS A 70 -13.28 -7.08 19.12
C LYS A 70 -14.10 -8.11 19.95
N THR A 71 -14.06 -9.39 19.57
CA THR A 71 -14.74 -10.44 20.34
C THR A 71 -13.85 -11.71 20.50
N ASN A 72 -14.45 -12.78 21.04
CA ASN A 72 -13.86 -14.12 21.03
C ASN A 72 -13.76 -14.59 19.61
N PHE A 73 -14.84 -14.35 18.85
CA PHE A 73 -14.92 -14.73 17.43
C PHE A 73 -14.14 -13.79 16.45
N GLY A 74 -13.38 -12.80 16.97
CA GLY A 74 -12.60 -11.84 16.14
C GLY A 74 -13.10 -10.37 16.06
N LYS A 75 -12.21 -9.47 15.63
CA LYS A 75 -12.52 -8.04 15.44
C LYS A 75 -13.15 -7.74 14.11
N PHE A 76 -14.32 -7.11 14.14
CA PHE A 76 -14.99 -6.54 12.97
C PHE A 76 -14.77 -5.01 12.99
N SER A 77 -14.07 -4.47 11.96
CA SER A 77 -13.97 -3.00 11.74
C SER A 77 -14.84 -2.49 10.55
N PHE A 78 -15.49 -1.33 10.72
CA PHE A 78 -16.48 -0.78 9.78
C PHE A 78 -16.19 0.67 9.31
N GLY A 79 -16.50 0.95 8.03
CA GLY A 79 -16.37 2.30 7.45
C GLY A 79 -15.13 2.51 6.60
N LYS A 80 -14.74 3.77 6.46
CA LYS A 80 -13.65 4.16 5.59
C LYS A 80 -12.30 3.73 6.10
N GLN A 81 -11.73 2.69 5.46
CA GLN A 81 -10.40 2.16 5.80
C GLN A 81 -9.59 1.85 4.52
N TRP A 82 -8.27 1.66 4.73
CA TRP A 82 -7.40 1.03 3.73
C TRP A 82 -7.83 -0.44 3.48
N THR A 83 -7.47 -1.00 2.33
CA THR A 83 -7.83 -2.37 2.01
C THR A 83 -7.02 -3.33 2.86
N THR A 84 -7.61 -4.49 3.18
CA THR A 84 -6.94 -5.57 3.90
C THR A 84 -5.57 -5.86 3.24
N SER A 85 -5.61 -6.13 1.94
CA SER A 85 -4.46 -5.98 1.01
C SER A 85 -3.29 -5.06 1.39
N ASP A 86 -3.62 -3.81 1.70
CA ASP A 86 -2.65 -2.78 1.98
C ASP A 86 -2.11 -2.98 3.38
N ASP A 87 -2.99 -3.38 4.30
CA ASP A 87 -2.56 -3.69 5.66
C ASP A 87 -1.53 -4.83 5.59
N VAL A 88 -1.87 -5.93 4.93
CA VAL A 88 -0.94 -7.06 4.77
C VAL A 88 0.34 -6.65 3.99
N TYR A 89 0.16 -5.94 2.88
CA TYR A 89 1.24 -5.45 2.01
C TYR A 89 2.05 -6.59 1.38
N GLY A 90 3.34 -6.73 1.71
CA GLY A 90 4.31 -7.63 1.01
C GLY A 90 5.72 -7.02 1.12
N ALA A 91 6.75 -7.63 0.55
CA ALA A 91 8.15 -7.17 0.81
C ALA A 91 8.68 -5.90 0.07
N ASP A 92 8.26 -4.72 0.51
CA ASP A 92 8.80 -3.43 0.08
C ASP A 92 9.15 -2.65 1.35
N TYR A 93 10.40 -2.24 1.53
CA TYR A 93 10.77 -1.52 2.79
C TYR A 93 11.26 -0.09 2.57
N SER A 94 10.85 0.50 1.44
CA SER A 94 11.18 1.90 1.01
C SER A 94 10.25 2.95 1.63
N TYR A 95 10.65 4.20 1.57
CA TYR A 95 9.83 5.34 2.04
C TYR A 95 9.44 6.29 0.89
N PHE A 96 9.73 5.92 -0.36
CA PHE A 96 9.50 6.83 -1.49
C PHE A 96 9.09 6.13 -2.75
N PHE A 97 10.04 5.39 -3.32
CA PHE A 97 9.84 4.78 -4.62
C PHE A 97 9.69 3.34 -4.24
N GLY A 98 9.22 2.51 -5.13
CA GLY A 98 9.12 1.09 -4.76
C GLY A 98 7.83 0.74 -4.04
N GLY A 99 7.40 -0.51 -4.23
CA GLY A 99 6.04 -0.94 -3.98
C GLY A 99 5.43 -1.48 -5.27
N THR A 100 6.05 -1.23 -6.42
CA THR A 100 5.65 -1.93 -7.63
C THR A 100 5.84 -3.43 -7.39
N GLY A 101 5.17 -4.27 -8.15
CA GLY A 101 5.22 -5.69 -7.82
C GLY A 101 4.27 -6.18 -6.75
N LEU A 102 3.72 -5.28 -5.95
CA LEU A 102 2.51 -5.58 -5.19
C LEU A 102 1.34 -5.05 -5.99
N ARG A 103 0.39 -5.91 -6.36
CA ARG A 103 -0.54 -5.63 -7.49
C ARG A 103 -1.98 -5.58 -7.07
N TYR A 104 -2.15 -5.26 -5.78
CA TYR A 104 -3.42 -5.45 -5.10
C TYR A 104 -4.31 -4.29 -5.33
N GLY A 105 -3.71 -3.13 -5.63
CA GLY A 105 -4.46 -1.91 -5.79
C GLY A 105 -4.27 -1.10 -7.05
N THR A 106 -3.96 -1.75 -8.17
CA THR A 106 -4.01 -1.08 -9.51
C THR A 106 -5.27 -0.17 -9.70
N LEU A 107 -6.41 -0.71 -9.34
CA LEU A 107 -7.68 0.01 -9.34
C LEU A 107 -8.06 0.75 -8.02
N SER A 108 -7.63 0.27 -6.87
CA SER A 108 -8.14 0.80 -5.58
C SER A 108 -7.37 1.97 -4.97
N ASP A 109 -6.13 2.15 -5.37
CA ASP A 109 -5.20 3.06 -4.68
C ASP A 109 -5.17 2.76 -3.16
N ALA A 110 -5.37 1.48 -2.84
CA ALA A 110 -5.33 0.91 -1.46
C ALA A 110 -6.46 1.32 -0.53
N LEU A 111 -7.63 1.62 -1.10
CA LEU A 111 -8.68 2.27 -0.36
C LEU A 111 -10.12 1.97 -0.81
N HIS A 112 -10.98 1.80 0.18
CA HIS A 112 -12.42 1.62 -0.05
C HIS A 112 -13.12 2.16 1.17
N ASP A 113 -13.99 3.13 0.93
CA ASP A 113 -14.52 4.01 1.98
C ASP A 113 -15.77 3.47 2.68
N SER A 114 -16.14 2.24 2.36
CA SER A 114 -17.48 1.74 2.63
C SER A 114 -17.32 0.20 2.68
N GLN A 115 -16.45 -0.22 3.59
CA GLN A 115 -16.04 -1.62 3.73
C GLN A 115 -16.08 -2.16 5.20
N VAL A 116 -16.30 -3.49 5.28
CA VAL A 116 -16.33 -4.24 6.53
C VAL A 116 -15.07 -5.09 6.58
N LYS A 117 -14.33 -5.04 7.67
CA LYS A 117 -13.07 -5.82 7.76
C LYS A 117 -12.97 -6.68 9.01
N TYR A 118 -12.49 -7.93 8.83
CA TYR A 118 -12.40 -8.96 9.88
C TYR A 118 -10.96 -9.28 10.20
N VAL A 119 -10.64 -9.46 11.48
CA VAL A 119 -9.30 -9.89 11.90
C VAL A 119 -9.39 -10.95 12.99
N TYR A 120 -8.47 -11.92 12.92
CA TYR A 120 -8.37 -12.99 13.93
C TYR A 120 -6.90 -13.43 14.15
N GLU A 121 -6.31 -13.05 15.28
CA GLU A 121 -5.00 -13.58 15.74
C GLU A 121 -5.17 -14.90 16.54
N ALA A 122 -4.10 -15.70 16.60
CA ALA A 122 -4.07 -16.99 17.34
C ALA A 122 -2.65 -17.26 17.89
N ASP A 123 -2.28 -18.54 18.14
CA ASP A 123 -0.90 -18.89 18.53
C ASP A 123 -0.04 -18.63 17.28
N SER A 124 0.51 -17.40 17.23
CA SER A 124 0.50 -16.53 16.01
C SER A 124 0.36 -17.19 14.60
N PHE A 125 -0.84 -17.73 14.39
CA PHE A 125 -1.45 -18.03 13.10
C PHE A 125 -2.61 -17.02 13.00
N TRP A 126 -2.63 -16.17 11.96
CA TRP A 126 -3.66 -15.10 11.82
C TRP A 126 -4.47 -15.15 10.51
N VAL A 127 -5.69 -14.59 10.54
CA VAL A 127 -6.55 -14.47 9.36
C VAL A 127 -7.19 -13.07 9.25
N LYS A 128 -7.01 -12.42 8.09
CA LYS A 128 -7.67 -11.12 7.77
C LYS A 128 -8.46 -11.18 6.45
N ALA A 129 -9.59 -10.49 6.43
CA ALA A 129 -10.47 -10.43 5.28
C ALA A 129 -11.29 -9.13 5.29
N GLY A 130 -11.86 -8.83 4.12
CA GLY A 130 -12.70 -7.66 3.97
C GLY A 130 -13.64 -7.71 2.78
N TYR A 131 -14.73 -6.96 2.88
CA TYR A 131 -15.69 -6.82 1.81
C TYR A 131 -15.98 -5.32 1.65
N GLY A 132 -15.99 -4.86 0.39
CA GLY A 132 -16.41 -3.49 -0.02
C GLY A 132 -17.84 -3.47 -0.57
N PHE A 133 -18.66 -2.65 0.05
CA PHE A 133 -20.03 -2.45 -0.36
C PHE A 133 -19.98 -1.52 -1.53
N PRO A 134 -20.52 -1.96 -2.67
CA PRO A 134 -20.53 -1.04 -3.79
C PRO A 134 -21.45 0.16 -3.64
N GLU A 135 -22.29 0.26 -2.57
CA GLU A 135 -23.11 1.48 -2.26
C GLU A 135 -23.61 1.96 -3.73
N ASP A 136 -24.34 1.09 -4.45
CA ASP A 136 -24.84 1.29 -5.89
C ASP A 136 -23.90 1.84 -6.97
N ASN A 137 -22.73 1.25 -7.08
CA ASN A 137 -21.71 1.63 -8.08
C ASN A 137 -21.10 3.01 -7.98
N ALA A 138 -21.49 3.77 -6.97
CA ALA A 138 -20.67 4.86 -6.48
C ALA A 138 -19.32 4.38 -5.96
N LYS A 139 -19.18 3.08 -5.63
CA LYS A 139 -17.91 2.52 -5.20
C LYS A 139 -17.60 1.22 -5.86
N GLN A 140 -16.31 0.90 -5.84
CA GLN A 140 -15.79 -0.38 -6.36
C GLN A 140 -16.33 -1.61 -5.61
N GLU A 141 -16.51 -2.71 -6.33
CA GLU A 141 -16.66 -4.04 -5.73
C GLU A 141 -15.30 -4.47 -5.25
N LEU A 142 -15.25 -5.00 -4.02
CA LEU A 142 -14.01 -5.48 -3.42
C LEU A 142 -14.26 -6.67 -2.55
N ALA A 143 -13.35 -7.63 -2.55
CA ALA A 143 -13.43 -8.76 -1.63
C ALA A 143 -12.11 -9.50 -1.52
N GLU A 144 -11.60 -9.61 -0.29
CA GLU A 144 -10.24 -10.02 -0.03
C GLU A 144 -10.15 -10.99 1.17
N LEU A 145 -9.16 -11.88 1.12
CA LEU A 145 -8.88 -12.80 2.17
C LEU A 145 -7.37 -13.09 2.23
N TYR A 146 -6.76 -12.92 3.38
CA TYR A 146 -5.37 -13.29 3.58
C TYR A 146 -5.26 -14.07 4.89
N VAL A 147 -4.21 -14.89 4.96
CA VAL A 147 -3.91 -15.75 6.08
C VAL A 147 -2.39 -15.81 6.17
N GLY A 148 -1.86 -15.86 7.38
CA GLY A 148 -0.41 -15.96 7.64
C GLY A 148 -0.09 -16.80 8.86
N ALA A 149 1.18 -16.80 9.27
CA ALA A 149 1.68 -17.55 10.45
C ALA A 149 3.20 -17.47 10.55
N THR A 150 3.71 -17.18 11.74
CA THR A 150 5.17 -17.15 11.99
C THR A 150 5.71 -18.52 12.48
N PHE A 151 6.89 -18.94 12.00
CA PHE A 151 7.64 -20.10 12.54
C PHE A 151 8.91 -19.59 13.29
N GLY A 152 8.74 -19.02 14.49
CA GLY A 152 9.88 -18.46 15.25
C GLY A 152 10.57 -17.30 14.53
N ASP A 153 11.47 -17.65 13.60
CA ASP A 153 12.27 -16.67 12.82
C ASP A 153 11.82 -16.41 11.36
N LEU A 154 11.00 -17.30 10.81
CA LEU A 154 10.38 -17.13 9.49
C LEU A 154 8.97 -16.62 9.66
N ALA A 155 8.51 -15.75 8.75
CA ALA A 155 7.13 -15.20 8.77
C ALA A 155 6.50 -15.26 7.36
N VAL A 156 5.36 -15.92 7.24
CA VAL A 156 4.72 -16.21 5.96
C VAL A 156 3.31 -15.58 5.85
N HIS A 157 2.92 -15.26 4.61
CA HIS A 157 1.52 -14.93 4.31
C HIS A 157 1.17 -15.20 2.87
N ALA A 158 -0.11 -15.44 2.65
CA ALA A 158 -0.66 -15.64 1.32
C ALA A 158 -2.14 -15.32 1.33
N GLY A 159 -2.65 -15.04 0.13
CA GLY A 159 -3.99 -14.53 -0.03
C GLY A 159 -4.09 -13.67 -1.29
N GLY A 160 -5.13 -12.87 -1.34
CA GLY A 160 -5.43 -12.07 -2.49
C GLY A 160 -6.86 -11.62 -2.42
N GLY A 161 -7.43 -11.28 -3.57
CA GLY A 161 -8.84 -10.89 -3.65
C GLY A 161 -9.22 -10.50 -5.04
N GLN A 162 -10.35 -9.81 -5.14
CA GLN A 162 -10.90 -9.35 -6.38
C GLN A 162 -11.57 -8.00 -6.22
N ASN A 163 -11.13 -7.05 -7.05
CA ASN A 163 -11.55 -5.66 -7.03
C ASN A 163 -11.97 -5.26 -8.47
N ARG A 164 -13.11 -4.56 -8.60
CA ARG A 164 -13.65 -4.16 -9.90
C ARG A 164 -14.17 -2.73 -9.92
N ASP A 165 -13.84 -1.96 -10.98
CA ASP A 165 -14.35 -0.60 -11.17
C ASP A 165 -15.15 -0.55 -12.49
N LYS A 166 -16.43 -0.23 -12.42
CA LYS A 166 -17.31 -0.15 -13.59
C LYS A 166 -16.95 0.94 -14.57
N ALA A 167 -16.33 2.02 -14.08
CA ALA A 167 -16.03 3.19 -14.89
C ALA A 167 -14.63 3.72 -14.59
N PHE A 168 -13.62 2.89 -14.86
CA PHE A 168 -12.22 3.22 -14.60
C PHE A 168 -11.53 3.86 -15.79
N LYS A 169 -10.73 4.90 -15.53
CA LYS A 169 -10.11 5.68 -16.60
C LYS A 169 -8.95 4.90 -17.21
N VAL A 170 -9.11 4.53 -18.48
CA VAL A 170 -8.12 3.75 -19.25
C VAL A 170 -7.30 4.65 -20.21
N GLY A 171 -7.85 5.80 -20.63
CA GLY A 171 -7.04 6.74 -21.39
C GLY A 171 -7.62 8.12 -21.55
N SER A 172 -7.26 8.75 -22.68
CA SER A 172 -7.80 10.04 -23.07
C SER A 172 -7.55 10.25 -24.56
N ASN A 173 -8.57 10.70 -25.28
CA ASN A 173 -8.34 11.47 -26.50
C ASN A 173 -9.30 12.68 -26.45
N THR A 174 -8.72 13.83 -26.77
CA THR A 174 -9.31 15.12 -26.45
C THR A 174 -10.02 15.74 -27.69
N VAL A 175 -9.30 15.85 -28.80
CA VAL A 175 -9.82 16.38 -30.09
C VAL A 175 -10.29 17.88 -29.97
N GLY A 176 -9.32 18.79 -29.76
CA GLY A 176 -9.56 20.26 -29.68
C GLY A 176 -9.15 20.91 -28.36
N THR A 178 -13.59 20.57 -25.33
CA THR A 178 -13.12 19.45 -26.15
C THR A 178 -11.84 18.80 -25.51
N THR A 179 -12.03 18.15 -24.36
CA THR A 179 -11.07 17.17 -23.75
C THR A 179 -11.89 16.11 -22.98
N THR A 180 -11.72 14.83 -23.31
CA THR A 180 -12.54 13.73 -22.78
C THR A 180 -11.66 12.54 -22.41
N ASP A 181 -12.03 11.81 -21.36
CA ASP A 181 -11.37 10.51 -21.07
C ASP A 181 -12.24 9.26 -21.33
N ILE A 182 -11.53 8.16 -21.53
CA ILE A 182 -12.12 6.86 -21.85
C ILE A 182 -12.37 6.05 -20.58
N LYS A 183 -13.63 5.78 -20.28
CA LYS A 183 -13.95 4.89 -19.16
C LYS A 183 -14.08 3.48 -19.67
N ALA A 184 -13.86 2.52 -18.79
CA ALA A 184 -14.05 1.08 -19.10
C ALA A 184 -14.13 0.26 -17.82
N ASP A 185 -14.96 -0.78 -17.86
CA ASP A 185 -15.25 -1.63 -16.71
C ASP A 185 -14.19 -2.74 -16.54
N VAL A 186 -13.31 -2.59 -15.54
CA VAL A 186 -12.14 -3.44 -15.37
C VAL A 186 -12.22 -4.28 -14.08
N THR A 187 -11.83 -5.55 -14.17
CA THR A 187 -11.68 -6.39 -12.98
C THR A 187 -10.20 -6.76 -12.71
N ASN A 188 -9.71 -6.53 -11.46
CA ASN A 188 -8.33 -6.91 -11.00
C ASN A 188 -8.48 -8.02 -9.93
N SER A 189 -7.92 -9.18 -10.24
CA SER A 189 -8.09 -10.42 -9.48
C SER A 189 -6.65 -10.88 -9.25
N TYR A 190 -6.25 -10.99 -8.01
CA TYR A 190 -4.85 -11.01 -7.69
C TYR A 190 -4.57 -12.01 -6.56
N PHE A 191 -3.34 -12.52 -6.50
CA PHE A 191 -2.95 -13.47 -5.47
C PHE A 191 -1.47 -13.28 -5.13
N GLU A 192 -1.15 -13.42 -3.84
CA GLU A 192 0.24 -13.36 -3.40
C GLU A 192 0.67 -14.41 -2.38
N VAL A 193 1.99 -14.56 -2.30
CA VAL A 193 2.65 -15.35 -1.29
C VAL A 193 3.98 -14.65 -0.94
N THR A 194 4.35 -14.69 0.32
CA THR A 194 5.42 -13.86 0.86
C THR A 194 6.09 -14.60 1.99
N GLY A 195 7.41 -14.39 2.14
CA GLY A 195 8.13 -14.90 3.31
C GLY A 195 9.13 -13.91 3.84
N GLU A 196 9.31 -13.86 5.16
CA GLU A 196 10.22 -12.91 5.80
C GLU A 196 11.07 -13.54 6.90
N TYR A 197 12.37 -13.26 6.88
CA TYR A 197 13.34 -14.02 7.64
C TYR A 197 14.17 -13.06 8.50
N THR A 198 14.14 -13.21 9.83
CA THR A 198 14.89 -12.32 10.74
C THR A 198 16.13 -13.02 11.31
N ILE A 199 17.28 -12.39 11.12
CA ILE A 199 18.62 -12.91 11.44
C ILE A 199 19.30 -11.81 12.31
N GLY A 200 18.67 -11.54 13.45
CA GLY A 200 19.09 -10.46 14.36
C GLY A 200 18.96 -9.07 13.77
N ASP A 201 20.07 -8.55 13.22
CA ASP A 201 20.10 -7.23 12.56
C ASP A 201 19.43 -7.28 11.19
N ALA A 202 19.73 -8.33 10.44
CA ALA A 202 19.20 -8.51 9.08
C ALA A 202 17.72 -8.89 9.04
N LEU A 203 17.13 -8.59 7.88
CA LEU A 203 15.78 -9.01 7.50
C LEU A 203 15.77 -9.18 5.99
N ILE A 204 15.28 -10.34 5.51
CA ILE A 204 15.09 -10.60 4.10
C ILE A 204 13.59 -10.83 3.86
N GLY A 205 13.16 -10.51 2.65
CA GLY A 205 11.77 -10.65 2.22
C GLY A 205 11.65 -10.93 0.73
N VAL A 206 10.68 -11.76 0.40
CA VAL A 206 10.39 -12.04 -0.99
C VAL A 206 8.89 -12.13 -1.12
N THR A 207 8.35 -11.46 -2.13
CA THR A 207 6.94 -11.64 -2.46
C THR A 207 6.80 -11.99 -3.91
N TYR A 208 5.81 -12.83 -4.22
CA TYR A 208 5.38 -13.07 -5.59
C TYR A 208 3.91 -12.64 -5.69
N TYR A 209 3.57 -11.79 -6.68
CA TYR A 209 2.17 -11.40 -7.00
C TYR A 209 1.81 -11.84 -8.42
N ASN A 210 0.61 -12.41 -8.57
CA ASN A 210 0.03 -12.74 -9.86
C ASN A 210 -1.26 -11.94 -9.95
N ALA A 211 -1.66 -11.52 -11.16
CA ALA A 211 -2.83 -10.65 -11.33
C ALA A 211 -3.38 -10.65 -12.74
N GLU A 212 -4.70 -10.49 -12.83
CA GLU A 212 -5.48 -10.64 -14.06
C GLU A 212 -6.44 -9.45 -14.16
N LEU A 213 -6.22 -8.60 -15.16
CA LEU A 213 -7.14 -7.55 -15.51
C LEU A 213 -8.03 -7.93 -16.72
N ASP A 214 -9.27 -8.43 -16.55
CA ASP A 214 -10.24 -8.67 -17.70
C ASP A 214 -11.05 -7.37 -17.80
N VAL A 215 -11.60 -7.12 -18.99
CA VAL A 215 -12.52 -6.04 -19.27
C VAL A 215 -13.80 -6.64 -19.81
N GLU A 216 -14.95 -6.18 -19.29
CA GLU A 216 -16.27 -6.65 -19.74
C GLU A 216 -16.61 -5.97 -21.06
N ASN A 217 -17.31 -6.71 -21.93
CA ASN A 217 -17.63 -6.31 -23.32
C ASN A 217 -16.40 -6.13 -24.20
N ASN A 218 -15.37 -6.95 -23.96
CA ASN A 218 -14.07 -6.75 -24.61
C ASN A 218 -13.10 -7.93 -24.40
N PRO A 219 -12.37 -8.30 -25.47
CA PRO A 219 -11.49 -9.46 -25.37
C PRO A 219 -10.25 -9.31 -24.48
N LEU A 220 -9.82 -8.07 -24.24
CA LEU A 220 -8.54 -7.78 -23.58
C LEU A 220 -8.42 -8.38 -22.19
N VAL A 221 -7.21 -8.91 -21.92
CA VAL A 221 -6.77 -9.45 -20.62
C VAL A 221 -5.27 -9.16 -20.40
N ILE A 222 -4.85 -8.79 -19.18
CA ILE A 222 -3.43 -8.59 -18.89
C ILE A 222 -2.99 -9.43 -17.69
N ASP A 223 -2.18 -10.44 -17.95
CA ASP A 223 -1.62 -11.24 -16.88
C ASP A 223 -0.34 -10.50 -16.39
N GLU A 224 -0.32 -10.04 -15.15
CA GLU A 224 0.90 -9.56 -14.48
C GLU A 224 1.44 -10.70 -13.60
N ASP A 225 2.76 -10.72 -13.42
CA ASP A 225 3.46 -11.79 -12.70
C ASP A 225 4.67 -11.03 -12.11
N ALA A 226 4.83 -11.03 -10.78
CA ALA A 226 5.71 -10.03 -10.13
C ALA A 226 6.50 -10.50 -8.93
N ILE A 227 7.78 -10.14 -8.90
CA ILE A 227 8.70 -10.63 -7.91
C ILE A 227 9.40 -9.45 -7.26
N SER A 228 9.14 -9.28 -5.97
CA SER A 228 9.85 -8.32 -5.13
C SER A 228 10.79 -9.16 -4.26
N VAL A 229 12.00 -8.65 -4.06
CA VAL A 229 12.92 -9.22 -3.08
C VAL A 229 13.64 -8.04 -2.41
N ALA A 230 13.78 -8.08 -1.10
CA ALA A 230 14.10 -6.86 -0.35
C ALA A 230 14.64 -7.18 0.99
N GLY A 231 15.19 -6.18 1.66
CA GLY A 231 15.68 -6.40 3.00
C GLY A 231 16.23 -5.18 3.69
N THR A 232 16.42 -5.32 5.00
CA THR A 232 16.96 -4.24 5.84
C THR A 232 18.02 -4.79 6.79
N TYR A 233 18.91 -3.91 7.22
CA TYR A 233 20.05 -4.27 8.05
C TYR A 233 20.43 -3.10 8.98
N LYS A 234 20.12 -3.23 10.26
CA LYS A 234 20.49 -2.21 11.23
C LYS A 234 22.02 -2.23 11.44
N VAL A 235 22.72 -1.17 11.03
CA VAL A 235 24.20 -1.07 11.17
C VAL A 235 24.48 -0.43 12.53
N ALA A 236 24.62 0.90 12.59
CA ALA A 236 24.96 1.60 13.83
C ALA A 236 23.72 1.68 14.77
N ASP A 237 23.86 2.41 15.89
CA ASP A 237 22.85 2.46 16.98
C ASP A 237 21.45 2.87 16.50
N LYS A 238 21.37 3.95 15.72
CA LYS A 238 20.08 4.50 15.27
C LYS A 238 19.79 4.35 13.74
N THR A 239 20.65 3.60 13.05
CA THR A 239 20.76 3.60 11.61
C THR A 239 20.27 2.27 11.06
N LYS A 240 19.39 2.34 10.06
CA LYS A 240 18.89 1.19 9.32
C LYS A 240 19.10 1.45 7.79
N LEU A 241 19.56 0.42 7.06
CA LEU A 241 19.72 0.48 5.59
C LEU A 241 18.73 -0.49 5.03
N TYR A 242 18.34 -0.25 3.79
CA TYR A 242 17.33 -1.07 3.13
C TYR A 242 17.56 -1.03 1.64
N ALA A 243 17.01 -2.04 0.98
CA ALA A 243 17.05 -2.08 -0.47
C ALA A 243 16.06 -3.10 -0.98
N GLY A 244 15.83 -3.02 -2.28
CA GLY A 244 14.97 -3.98 -2.96
C GLY A 244 15.10 -3.90 -4.47
N TYR A 245 14.91 -5.06 -5.09
CA TYR A 245 14.83 -5.26 -6.53
C TYR A 245 13.38 -5.69 -6.75
N GLU A 246 12.75 -5.16 -7.79
CA GLU A 246 11.33 -5.41 -8.05
C GLU A 246 11.17 -5.55 -9.56
N TYR A 247 10.75 -6.74 -10.01
CA TYR A 247 10.66 -7.06 -11.43
C TYR A 247 9.24 -7.48 -11.74
N VAL A 248 8.63 -6.86 -12.76
CA VAL A 248 7.25 -7.16 -13.13
C VAL A 248 7.14 -7.40 -14.62
N MET A 249 6.33 -8.38 -15.00
CA MET A 249 6.10 -8.70 -16.39
C MET A 249 4.62 -8.66 -16.63
N GLN A 250 4.22 -7.99 -17.71
CA GLN A 250 2.85 -7.90 -18.11
C GLN A 250 2.68 -8.49 -19.49
N GLU A 251 2.10 -9.70 -19.60
CA GLU A 251 1.66 -10.22 -20.91
C GLU A 251 0.23 -9.66 -21.08
N ALA A 252 -0.06 -9.15 -22.28
CA ALA A 252 -1.43 -8.99 -22.75
C ALA A 252 -1.85 -10.20 -23.61
N ASN A 253 -3.17 -10.42 -23.69
CA ASN A 253 -3.74 -11.51 -24.47
C ASN A 253 -3.67 -11.20 -25.98
N THR A 254 -3.37 -9.97 -26.31
CA THR A 254 -3.13 -9.58 -27.68
C THR A 254 -1.77 -10.02 -28.26
N GLY A 255 -0.90 -10.61 -27.43
CA GLY A 255 0.44 -10.98 -27.87
C GLY A 255 1.42 -10.15 -27.09
N ALA A 256 1.25 -8.82 -27.21
CA ALA A 256 2.03 -7.72 -26.52
C ALA A 256 2.55 -8.01 -25.12
N ASP A 257 3.88 -8.06 -24.99
CA ASP A 257 4.57 -8.36 -23.74
C ASP A 257 5.21 -7.06 -23.30
N GLU A 258 5.52 -6.99 -22.01
CA GLU A 258 5.98 -5.77 -21.40
C GLU A 258 6.60 -6.07 -20.03
N ASP A 259 7.55 -5.24 -19.58
CA ASP A 259 8.12 -5.40 -18.22
C ASP A 259 8.56 -4.09 -17.57
N GLY A 260 8.95 -4.18 -16.30
CA GLY A 260 9.35 -3.02 -15.52
C GLY A 260 10.23 -3.42 -14.34
N THR A 261 11.27 -2.63 -14.10
CA THR A 261 12.23 -2.89 -13.06
C THR A 261 12.35 -1.69 -12.15
N LEU A 262 12.33 -1.92 -10.84
CA LEU A 262 12.54 -0.88 -9.83
C LEU A 262 13.52 -1.35 -8.78
N VAL A 263 14.53 -0.52 -8.55
CA VAL A 263 15.55 -0.79 -7.57
C VAL A 263 15.63 0.39 -6.67
N TYR A 264 15.78 0.12 -5.38
CA TYR A 264 15.99 1.16 -4.38
C TYR A 264 17.09 0.79 -3.36
N LEU A 265 17.65 1.83 -2.79
CA LEU A 265 18.63 1.68 -1.76
C LEU A 265 18.51 2.91 -0.90
N GLY A 266 18.35 2.75 0.42
CA GLY A 266 18.26 3.92 1.31
C GLY A 266 18.58 3.70 2.77
N VAL A 267 18.51 4.78 3.55
CA VAL A 267 18.88 4.80 4.97
C VAL A 267 17.88 5.54 5.90
N GLU A 268 17.33 4.82 6.90
CA GLU A 268 16.59 5.47 7.98
C GLU A 268 17.46 5.72 9.22
N TYR A 269 17.83 6.98 9.45
CA TYR A 269 18.40 7.40 10.73
C TYR A 269 17.34 8.01 11.64
N LYS A 270 17.41 7.76 12.94
CA LYS A 270 16.40 8.28 13.86
C LYS A 270 17.02 9.04 15.07
N PHE A 271 17.11 10.37 14.97
CA PHE A 271 17.61 11.19 16.10
C PHE A 271 16.93 10.76 17.39
N ALA A 272 15.64 10.45 17.25
CA ALA A 272 14.83 9.77 18.25
C ALA A 272 13.73 8.93 17.55
N SER A 273 12.73 8.49 18.30
CA SER A 273 11.58 7.80 17.73
C SER A 273 10.57 8.80 17.16
N TRP A 274 10.51 9.98 17.77
CA TRP A 274 9.69 11.08 17.27
C TRP A 274 10.40 11.96 16.20
N ALA A 275 11.62 11.57 15.79
CA ALA A 275 12.39 12.40 14.86
C ALA A 275 13.23 11.56 13.94
N ARG A 276 12.85 11.49 12.66
CA ARG A 276 13.49 10.57 11.72
C ARG A 276 13.86 11.32 10.46
N VAL A 277 14.85 10.84 9.74
CA VAL A 277 15.26 11.44 8.49
C VAL A 277 15.57 10.30 7.56
N TYR A 278 15.39 10.54 6.28
CA TYR A 278 15.47 9.46 5.32
C TYR A 278 16.27 9.95 4.15
N ALA A 279 16.98 9.04 3.52
CA ALA A 279 17.56 9.32 2.21
C ALA A 279 17.42 8.07 1.34
N GLU A 280 16.91 8.24 0.12
CA GLU A 280 16.66 7.08 -0.71
C GLU A 280 16.99 7.37 -2.21
N TYR A 281 17.63 6.42 -2.88
CA TYR A 281 17.83 6.46 -4.34
C TYR A 281 16.86 5.44 -4.91
N GLY A 282 16.39 5.66 -6.15
CA GLY A 282 15.51 4.73 -6.83
C GLY A 282 15.75 4.77 -8.32
N TYR A 283 16.02 3.59 -8.89
CA TYR A 283 16.19 3.43 -10.32
C TYR A 283 15.00 2.71 -10.90
N GLY A 284 14.45 3.23 -11.99
CA GLY A 284 13.30 2.61 -12.61
C GLY A 284 13.46 2.54 -14.10
N ASP A 285 13.00 1.44 -14.69
CA ASP A 285 12.99 1.29 -16.13
C ASP A 285 11.88 0.36 -16.56
N GLY A 286 11.09 0.80 -17.54
CA GLY A 286 9.96 0.02 -18.06
C GLY A 286 8.63 0.45 -17.48
N THR A 287 7.69 -0.49 -17.42
CA THR A 287 6.28 -0.21 -17.29
C THR A 287 5.71 -0.62 -15.94
N THR A 288 4.89 0.25 -15.32
CA THR A 288 3.92 -0.15 -14.28
C THR A 288 2.57 0.03 -14.88
N LEU A 289 1.64 -0.84 -14.53
CA LEU A 289 0.21 -0.51 -14.78
C LEU A 289 -0.44 0.35 -13.69
N GLY A 290 0.30 0.71 -12.64
CA GLY A 290 -0.19 1.56 -11.56
C GLY A 290 0.12 0.96 -10.18
N TYR A 291 0.58 1.80 -9.24
CA TYR A 291 0.97 1.32 -7.93
C TYR A 291 1.03 2.41 -6.84
N THR A 292 1.02 1.96 -5.59
CA THR A 292 1.06 2.76 -4.38
C THR A 292 2.31 2.46 -3.59
N ASN A 293 3.05 3.50 -3.19
CA ASN A 293 4.15 3.35 -2.20
C ASN A 293 3.56 3.61 -0.82
N LYS A 294 3.46 2.56 0.00
CA LYS A 294 2.88 2.68 1.36
C LYS A 294 3.60 3.64 2.33
N GLY A 295 4.91 3.71 2.19
CA GLY A 295 5.77 4.60 2.96
C GLY A 295 5.60 6.08 2.74
N SER A 296 5.43 6.52 1.50
CA SER A 296 5.20 7.97 1.18
C SER A 296 3.72 8.36 1.09
N ASP A 297 2.86 7.35 0.95
CA ASP A 297 1.48 7.47 0.45
C ASP A 297 1.37 7.91 -1.05
N ALA A 298 2.47 7.90 -1.81
CA ALA A 298 2.46 8.28 -3.24
C ALA A 298 1.70 7.30 -4.15
N GLU A 299 0.91 7.83 -5.11
CA GLU A 299 0.17 7.05 -6.15
C GLU A 299 0.95 7.34 -7.43
N VAL A 300 1.34 6.29 -8.13
CA VAL A 300 1.84 6.42 -9.49
C VAL A 300 0.89 5.76 -10.45
N LYS A 301 0.39 6.55 -11.40
CA LYS A 301 -0.64 6.08 -12.29
C LYS A 301 0.12 5.30 -13.34
N ALA A 302 -0.60 4.50 -14.13
CA ALA A 302 -0.01 3.67 -15.20
C ALA A 302 0.88 4.51 -16.14
N THR A 303 2.11 4.06 -16.41
CA THR A 303 3.23 4.85 -16.99
C THR A 303 4.33 3.90 -17.52
N LYS A 304 5.17 4.40 -18.42
CA LYS A 304 6.41 3.76 -18.85
C LYS A 304 7.57 4.75 -18.59
N VAL A 305 8.58 4.35 -17.86
CA VAL A 305 9.74 5.21 -17.55
C VAL A 305 10.99 4.79 -18.35
N ASP A 306 12.04 5.63 -18.38
CA ASP A 306 13.36 5.30 -19.00
C ASP A 306 14.58 6.12 -18.45
N SER A 307 15.70 5.40 -18.24
CA SER A 307 16.94 6.08 -17.86
C SER A 307 16.76 6.66 -16.46
N ALA A 308 15.92 6.06 -15.60
CA ALA A 308 15.16 6.85 -14.56
C ALA A 308 15.64 6.94 -13.07
N ASN A 309 16.42 7.99 -12.76
CA ASN A 309 17.04 8.23 -11.46
C ASN A 309 16.17 9.12 -10.62
N ASN A 310 16.11 8.83 -9.31
CA ASN A 310 15.24 9.50 -8.33
C ASN A 310 15.85 9.49 -6.91
N PHE A 311 15.96 10.66 -6.29
CA PHE A 311 16.49 10.79 -4.92
C PHE A 311 15.35 11.39 -4.09
N GLY A 312 15.36 11.14 -2.80
CA GLY A 312 14.31 11.65 -1.89
C GLY A 312 14.86 11.77 -0.49
N ILE A 313 14.72 12.95 0.10
CA ILE A 313 15.26 13.23 1.41
C ILE A 313 14.07 13.57 2.28
N GLY A 314 13.95 12.86 3.39
CA GLY A 314 12.78 12.96 4.24
C GLY A 314 13.11 13.48 5.60
N ALA A 315 12.15 14.11 6.25
CA ALA A 315 12.27 14.52 7.66
C ALA A 315 10.89 14.61 8.30
N ARG A 316 10.63 13.69 9.21
CA ARG A 316 9.38 13.56 9.89
C ARG A 316 9.47 13.77 11.39
N TYR A 317 8.38 14.31 11.93
CA TYR A 317 8.15 14.44 13.33
C TYR A 317 6.89 13.65 13.65
N TYR A 318 7.01 12.62 14.50
CA TYR A 318 5.87 11.80 14.96
C TYR A 318 5.40 12.17 16.39
N TRP A 319 4.12 11.85 16.69
CA TRP A 319 3.52 12.05 18.04
C TRP A 319 2.35 11.08 18.34
CA CA B . 0.18 10.12 21.06
#